data_3E7B
#
_entry.id   3E7B
#
_cell.length_a   65.760
_cell.length_b   78.519
_cell.length_c   130.764
_cell.angle_alpha   90.000
_cell.angle_beta   90.000
_cell.angle_gamma   90.000
#
_symmetry.space_group_name_H-M   'P 21 21 21'
#
loop_
_entity.id
_entity.type
_entity.pdbx_description
1 polymer 'Serine/threonine-protein phosphatase PP1-alpha catalytic subunit'
2 non-polymer 'MANGANESE (II) ION'
3 non-polymer '(2Z)-2-[(1R)-3-{[(1R,2S,3R,6S,7S,10R)-10-{(2S,3S,6R,8S,9R)-3,9-dimethyl-8-[(3S)-3-methyl-4-oxopentyl]-1,7-dioxaspiro[5.5]undec-2-yl}-3,7-dihydroxy-2-methoxy-6-methyl-1-(1-methylethyl)-5-oxoundecyl]oxy}-1-hydroxy-3-oxopropyl]-3-methylbut-2-enedioic acid'
4 non-polymer 'CHLORIDE ION'
5 non-polymer GLYCEROL
6 non-polymer 'SODIUM ION'
7 non-polymer 'AZIDE ION'
8 water water
#
_entity_poly.entity_id   1
_entity_poly.type   'polypeptide(L)'
_entity_poly.pdbx_seq_one_letter_code
;GHMGSLNLDSIIGRLLEVQGSRPGKNVQLTENEIRGLCLKSREIFLSQPILLELEAPLKICGDIHGQYYDLLRLFEYGGF
PPESNYLFLGDYVDRGKQSLETICLLLAYKIKYPENFFLLRGNHECASINRIYGFYDECKRRYNIKLWKTFTDCFNCLPI
AAIVDEKIFCCHGGLSPDLQSMEQIRRIMRPTDVPDQGLLCDLLWSDPDKDVQGWGENDRGVSFTFGAEVVAKFLHKHDL
DLICRAHQVVEDGYEFFAKRQLVTLFSAPNYCGEFDNAGAMMSVDETLMCSFQILKPAD
;
_entity_poly.pdbx_strand_id   A,B
#
# COMPACT_ATOMS: atom_id res chain seq x y z
N SER A 5 -20.41 15.49 -30.32
CA SER A 5 -19.34 16.25 -31.05
C SER A 5 -17.94 15.82 -30.61
N LEU A 6 -17.78 15.55 -29.32
CA LEU A 6 -16.47 15.15 -28.77
C LEU A 6 -16.31 13.64 -28.95
N ASN A 7 -15.22 13.20 -29.60
CA ASN A 7 -14.87 11.77 -29.64
C ASN A 7 -13.88 11.47 -28.51
N LEU A 8 -14.42 11.18 -27.32
CA LEU A 8 -13.58 10.97 -26.12
C LEU A 8 -12.67 9.77 -26.25
N ASP A 9 -13.14 8.69 -26.86
CA ASP A 9 -12.31 7.51 -26.95
C ASP A 9 -11.10 7.76 -27.81
N SER A 10 -11.26 8.54 -28.88
CA SER A 10 -10.10 8.92 -29.71
C SER A 10 -9.08 9.75 -28.93
N ILE A 11 -9.58 10.71 -28.16
CA ILE A 11 -8.77 11.58 -27.31
C ILE A 11 -8.04 10.75 -26.27
N ILE A 12 -8.79 9.91 -25.54
CA ILE A 12 -8.16 9.03 -24.56
C ILE A 12 -7.14 8.10 -25.23
N GLY A 13 -7.48 7.52 -26.37
CA GLY A 13 -6.53 6.67 -27.04
C GLY A 13 -5.22 7.33 -27.39
N ARG A 14 -5.31 8.57 -27.89
CA ARG A 14 -4.10 9.33 -28.23
C ARG A 14 -3.27 9.66 -26.97
N LEU A 15 -3.96 9.99 -25.88
CA LEU A 15 -3.29 10.30 -24.62
C LEU A 15 -2.57 9.07 -24.06
N LEU A 16 -3.16 7.90 -24.24
CA LEU A 16 -2.60 6.66 -23.67
C LEU A 16 -1.56 5.99 -24.58
N GLU A 17 -1.55 6.36 -25.86
CA GLU A 17 -0.67 5.75 -26.87
C GLU A 17 0.82 5.85 -26.49
N VAL A 18 1.19 6.91 -25.78
CA VAL A 18 2.57 7.19 -25.42
C VAL A 18 3.09 6.39 -24.23
N GLN A 19 2.24 5.57 -23.61
CA GLN A 19 2.72 4.61 -22.63
C GLN A 19 3.87 3.81 -23.22
N GLY A 20 4.99 3.75 -22.51
CA GLY A 20 6.14 3.00 -23.00
C GLY A 20 7.03 3.76 -23.97
N SER A 21 6.65 5.00 -24.29
CA SER A 21 7.51 5.87 -25.10
CA SER A 21 7.50 5.89 -25.09
C SER A 21 8.57 6.47 -24.19
N ARG A 22 9.58 7.09 -24.80
CA ARG A 22 10.59 7.84 -24.04
C ARG A 22 9.83 8.88 -23.18
N PRO A 23 9.92 8.75 -21.83
CA PRO A 23 9.18 9.68 -20.99
C PRO A 23 9.48 11.12 -21.38
N GLY A 24 8.44 11.85 -21.74
CA GLY A 24 8.57 13.21 -22.22
C GLY A 24 7.92 13.43 -23.58
N LYS A 25 7.60 12.35 -24.30
CA LYS A 25 6.90 12.47 -25.58
C LYS A 25 5.58 13.16 -25.34
N ASN A 26 5.29 14.19 -26.13
CA ASN A 26 4.06 14.98 -25.97
C ASN A 26 2.88 14.28 -26.63
N VAL A 27 1.69 14.56 -26.11
CA VAL A 27 0.43 14.31 -26.85
C VAL A 27 -0.21 15.65 -27.09
N GLN A 28 -0.38 15.97 -28.36
CA GLN A 28 -0.85 17.29 -28.77
C GLN A 28 -2.25 17.13 -29.39
N LEU A 29 -3.27 17.33 -28.55
CA LEU A 29 -4.65 17.34 -29.00
C LEU A 29 -4.91 18.62 -29.78
N THR A 30 -6.00 18.67 -30.51
CA THR A 30 -6.38 19.93 -31.16
C THR A 30 -6.95 20.92 -30.14
N GLU A 31 -6.80 22.21 -30.46
CA GLU A 31 -7.39 23.29 -29.65
C GLU A 31 -8.88 23.04 -29.44
N ASN A 32 -9.57 22.69 -30.52
CA ASN A 32 -11.01 22.44 -30.44
C ASN A 32 -11.34 21.30 -29.50
N GLU A 33 -10.54 20.23 -29.53
CA GLU A 33 -10.72 19.11 -28.61
C GLU A 33 -10.59 19.49 -27.16
N ILE A 34 -9.54 20.26 -26.83
CA ILE A 34 -9.29 20.68 -25.46
C ILE A 34 -10.39 21.62 -24.98
N ARG A 35 -10.83 22.55 -25.83
CA ARG A 35 -11.97 23.43 -25.53
CA ARG A 35 -11.93 23.43 -25.45
C ARG A 35 -13.18 22.60 -25.15
N GLY A 36 -13.47 21.59 -25.98
CA GLY A 36 -14.54 20.64 -25.72
C GLY A 36 -14.44 19.93 -24.39
N LEU A 37 -13.27 19.41 -24.08
CA LEU A 37 -13.03 18.80 -22.77
C LEU A 37 -13.29 19.77 -21.62
N CYS A 38 -12.82 21.01 -21.76
CA CYS A 38 -13.09 22.02 -20.72
C CYS A 38 -14.56 22.32 -20.57
N LEU A 39 -15.21 22.54 -21.69
CA LEU A 39 -16.62 22.95 -21.63
C LEU A 39 -17.53 21.85 -21.10
N LYS A 40 -17.31 20.60 -21.54
CA LYS A 40 -18.17 19.52 -21.10
C LYS A 40 -17.90 19.16 -19.63
N SER A 41 -16.62 19.12 -19.24
CA SER A 41 -16.27 18.82 -17.84
C SER A 41 -16.81 19.90 -16.88
N ARG A 42 -16.70 21.17 -17.28
CA ARG A 42 -17.24 22.29 -16.50
C ARG A 42 -18.71 22.09 -16.20
N GLU A 43 -19.49 21.70 -17.21
CA GLU A 43 -20.93 21.45 -17.05
C GLU A 43 -21.17 20.34 -16.01
N ILE A 44 -20.41 19.25 -16.13
CA ILE A 44 -20.49 18.14 -15.18
C ILE A 44 -20.13 18.59 -13.75
N PHE A 45 -19.01 19.30 -13.59
CA PHE A 45 -18.64 19.81 -12.26
C PHE A 45 -19.77 20.64 -11.62
N LEU A 46 -20.38 21.51 -12.42
CA LEU A 46 -21.45 22.39 -11.92
C LEU A 46 -22.71 21.60 -11.57
N SER A 47 -22.92 20.49 -12.27
CA SER A 47 -24.09 19.62 -12.05
C SER A 47 -23.99 18.74 -10.80
N GLN A 48 -22.76 18.56 -10.31
CA GLN A 48 -22.49 17.77 -9.11
C GLN A 48 -22.20 18.70 -7.93
N PRO A 49 -22.42 18.22 -6.70
CA PRO A 49 -22.18 19.10 -5.55
C PRO A 49 -20.74 19.61 -5.39
N ILE A 50 -20.59 20.75 -4.73
CA ILE A 50 -19.28 21.31 -4.46
C ILE A 50 -18.57 20.54 -3.33
N LEU A 51 -19.37 19.90 -2.47
CA LEU A 51 -18.89 18.97 -1.45
C LEU A 51 -19.38 17.59 -1.84
N LEU A 52 -18.47 16.79 -2.39
CA LEU A 52 -18.83 15.48 -2.94
C LEU A 52 -19.11 14.47 -1.84
N GLU A 53 -20.12 13.62 -2.07
CA GLU A 53 -20.41 12.52 -1.16
C GLU A 53 -20.10 11.22 -1.90
N LEU A 54 -18.99 10.62 -1.53
CA LEU A 54 -18.43 9.46 -2.24
C LEU A 54 -18.44 8.19 -1.43
N GLU A 55 -18.34 7.07 -2.14
CA GLU A 55 -18.38 5.74 -1.57
C GLU A 55 -17.09 5.00 -1.84
N ALA A 56 -16.64 4.25 -0.85
CA ALA A 56 -15.56 3.32 -1.03
C ALA A 56 -16.09 2.01 -1.65
N PRO A 57 -15.21 1.25 -2.29
CA PRO A 57 -13.79 1.48 -2.44
C PRO A 57 -13.42 2.49 -3.52
N LEU A 58 -12.27 3.12 -3.31
CA LEU A 58 -11.73 4.04 -4.27
C LEU A 58 -10.24 4.23 -4.05
N LYS A 59 -9.56 4.79 -5.05
CA LYS A 59 -8.15 5.20 -4.96
C LYS A 59 -8.10 6.70 -4.85
N ILE A 60 -7.23 7.22 -3.99
CA ILE A 60 -7.11 8.67 -3.78
C ILE A 60 -5.67 9.07 -4.10
N CYS A 61 -5.55 10.09 -4.95
CA CYS A 61 -4.23 10.60 -5.34
CA CYS A 61 -4.27 10.60 -5.40
C CYS A 61 -4.08 12.05 -4.96
N GLY A 62 -2.84 12.40 -4.56
CA GLY A 62 -2.46 13.78 -4.29
C GLY A 62 -1.84 14.43 -5.51
N ASP A 63 -0.94 15.37 -5.27
CA ASP A 63 -0.48 16.27 -6.31
C ASP A 63 0.20 15.53 -7.45
N ILE A 64 -0.13 15.97 -8.69
CA ILE A 64 0.49 15.44 -9.92
C ILE A 64 1.45 16.44 -10.58
N HIS A 65 1.09 17.73 -10.58
CA HIS A 65 1.95 18.80 -11.10
C HIS A 65 2.61 18.47 -12.43
N GLY A 66 1.79 18.04 -13.38
CA GLY A 66 2.18 17.88 -14.77
C GLY A 66 3.13 16.74 -15.03
N GLN A 67 3.28 15.83 -14.06
CA GLN A 67 4.18 14.67 -14.25
C GLN A 67 3.37 13.57 -14.95
N TYR A 68 3.11 13.79 -16.24
CA TYR A 68 2.17 12.95 -16.96
C TYR A 68 2.54 11.47 -16.98
N TYR A 69 3.81 11.16 -17.19
CA TYR A 69 4.24 9.76 -17.23
C TYR A 69 4.08 9.06 -15.88
N ASP A 70 4.18 9.83 -14.80
CA ASP A 70 3.87 9.32 -13.47
C ASP A 70 2.37 9.11 -13.27
N LEU A 71 1.52 9.99 -13.81
CA LEU A 71 0.08 9.76 -13.82
C LEU A 71 -0.23 8.41 -14.51
N LEU A 72 0.36 8.18 -15.68
CA LEU A 72 0.16 6.91 -16.39
C LEU A 72 0.60 5.73 -15.54
N ARG A 73 1.71 5.88 -14.81
CA ARG A 73 2.13 4.82 -13.88
C ARG A 73 1.13 4.55 -12.76
N LEU A 74 0.53 5.61 -12.20
CA LEU A 74 -0.47 5.46 -11.15
C LEU A 74 -1.67 4.68 -11.70
N PHE A 75 -2.11 5.02 -12.89
CA PHE A 75 -3.19 4.25 -13.51
C PHE A 75 -2.79 2.80 -13.82
N GLU A 76 -1.57 2.60 -14.26
CA GLU A 76 -1.07 1.26 -14.55
C GLU A 76 -1.13 0.42 -13.26
N TYR A 77 -0.69 1.01 -12.16
CA TYR A 77 -0.65 0.29 -10.85
C TYR A 77 -2.07 0.12 -10.27
N GLY A 78 -2.87 1.17 -10.34
CA GLY A 78 -4.18 1.24 -9.70
C GLY A 78 -5.33 0.71 -10.51
N GLY A 79 -5.12 0.58 -11.82
CA GLY A 79 -6.20 0.22 -12.78
C GLY A 79 -6.68 1.44 -13.54
N PHE A 80 -6.66 1.37 -14.85
CA PHE A 80 -7.18 2.50 -15.63
C PHE A 80 -8.67 2.66 -15.36
N PRO A 81 -9.13 3.92 -15.25
CA PRO A 81 -10.57 4.11 -15.12
C PRO A 81 -11.38 3.33 -16.21
N PRO A 82 -12.53 2.74 -15.84
CA PRO A 82 -13.25 2.71 -14.56
C PRO A 82 -12.94 1.47 -13.68
N GLU A 83 -11.80 0.83 -13.92
CA GLU A 83 -11.48 -0.39 -13.20
C GLU A 83 -11.40 -0.17 -11.69
N SER A 84 -11.00 1.04 -11.34
CA SER A 84 -11.09 1.53 -9.99
CA SER A 84 -11.15 1.52 -9.99
C SER A 84 -11.74 2.89 -10.08
N ASN A 85 -12.46 3.26 -9.02
CA ASN A 85 -12.94 4.63 -8.83
C ASN A 85 -11.77 5.47 -8.34
N TYR A 86 -11.73 6.75 -8.74
CA TYR A 86 -10.63 7.63 -8.38
C TYR A 86 -11.16 8.93 -7.82
N LEU A 87 -10.45 9.43 -6.81
CA LEU A 87 -10.57 10.82 -6.37
C LEU A 87 -9.17 11.44 -6.39
N PHE A 88 -9.00 12.56 -7.09
CA PHE A 88 -7.75 13.31 -7.11
C PHE A 88 -7.97 14.56 -6.28
N LEU A 89 -6.95 14.98 -5.57
CA LEU A 89 -7.08 16.05 -4.60
C LEU A 89 -6.61 17.42 -5.09
N GLY A 90 -6.28 17.55 -6.38
CA GLY A 90 -5.90 18.81 -6.95
C GLY A 90 -4.42 18.91 -7.33
N ASP A 91 -4.04 20.09 -7.79
CA ASP A 91 -2.68 20.35 -8.25
C ASP A 91 -2.26 19.47 -9.40
N TYR A 92 -3.03 19.61 -10.48
CA TYR A 92 -2.81 18.86 -11.70
C TYR A 92 -1.72 19.49 -12.57
N VAL A 93 -1.62 20.82 -12.48
CA VAL A 93 -0.80 21.64 -13.36
C VAL A 93 0.28 22.36 -12.57
N ASP A 94 1.20 22.98 -13.30
CA ASP A 94 2.37 23.73 -12.79
C ASP A 94 3.50 22.80 -12.38
N ARG A 95 4.71 23.35 -12.39
CA ARG A 95 5.94 22.70 -11.94
C ARG A 95 6.47 21.69 -12.94
N GLY A 96 5.65 20.73 -13.34
CA GLY A 96 6.08 19.66 -14.24
C GLY A 96 6.08 20.04 -15.70
N LYS A 97 6.44 19.08 -16.55
CA LYS A 97 6.72 19.34 -17.94
C LYS A 97 5.50 19.14 -18.83
N GLN A 98 4.49 18.47 -18.31
CA GLN A 98 3.40 17.99 -19.18
C GLN A 98 2.07 18.18 -18.47
N SER A 99 1.84 19.42 -18.03
CA SER A 99 0.53 19.74 -17.42
C SER A 99 -0.60 19.55 -18.38
N LEU A 100 -0.41 19.89 -19.65
CA LEU A 100 -1.51 19.82 -20.61
C LEU A 100 -2.02 18.39 -20.80
N GLU A 101 -1.10 17.44 -21.00
CA GLU A 101 -1.48 16.04 -21.10
C GLU A 101 -2.17 15.54 -19.84
N THR A 102 -1.66 15.96 -18.70
CA THR A 102 -2.18 15.58 -17.40
C THR A 102 -3.62 16.01 -17.25
N ILE A 103 -3.85 17.31 -17.39
CA ILE A 103 -5.22 17.79 -17.19
C ILE A 103 -6.17 17.27 -18.27
N CYS A 104 -5.71 17.13 -19.51
CA CYS A 104 -6.63 16.64 -20.56
C CYS A 104 -7.08 15.20 -20.29
N LEU A 105 -6.16 14.33 -19.87
CA LEU A 105 -6.54 12.94 -19.55
C LEU A 105 -7.54 12.93 -18.38
N LEU A 106 -7.26 13.71 -17.35
CA LEU A 106 -8.17 13.78 -16.20
C LEU A 106 -9.57 14.28 -16.57
N LEU A 107 -9.63 15.37 -17.33
CA LEU A 107 -10.93 15.87 -17.81
C LEU A 107 -11.65 14.87 -18.70
N ALA A 108 -10.92 14.19 -19.59
CA ALA A 108 -11.54 13.17 -20.46
C ALA A 108 -12.19 12.04 -19.62
N TYR A 109 -11.47 11.60 -18.60
CA TYR A 109 -11.98 10.54 -17.73
C TYR A 109 -13.16 11.04 -16.90
N LYS A 110 -13.13 12.29 -16.49
CA LYS A 110 -14.31 12.86 -15.80
C LYS A 110 -15.55 12.85 -16.66
N ILE A 111 -15.39 13.18 -17.94
CA ILE A 111 -16.52 13.18 -18.87
C ILE A 111 -17.02 11.75 -19.16
N LYS A 112 -16.07 10.84 -19.36
CA LYS A 112 -16.40 9.43 -19.63
C LYS A 112 -17.08 8.73 -18.46
N TYR A 113 -16.59 8.98 -17.24
CA TYR A 113 -16.99 8.25 -16.03
C TYR A 113 -17.32 9.22 -14.91
N PRO A 114 -18.35 10.09 -15.12
CA PRO A 114 -18.53 11.20 -14.20
C PRO A 114 -19.00 10.83 -12.79
N GLU A 115 -19.54 9.62 -12.63
CA GLU A 115 -19.98 9.14 -11.31
CA GLU A 115 -20.00 9.12 -11.34
C GLU A 115 -18.97 8.21 -10.66
N ASN A 116 -17.84 7.98 -11.33
CA ASN A 116 -16.80 7.08 -10.85
C ASN A 116 -15.39 7.67 -10.83
N PHE A 117 -15.28 8.95 -11.10
CA PHE A 117 -14.01 9.58 -11.31
C PHE A 117 -14.22 11.00 -10.87
N PHE A 118 -13.41 11.46 -9.91
CA PHE A 118 -13.62 12.77 -9.29
C PHE A 118 -12.33 13.57 -9.14
N LEU A 119 -12.45 14.89 -9.34
CA LEU A 119 -11.32 15.83 -9.27
C LEU A 119 -11.70 16.96 -8.32
N LEU A 120 -10.87 17.20 -7.32
CA LEU A 120 -11.01 18.40 -6.48
C LEU A 120 -10.09 19.48 -6.98
N ARG A 121 -10.35 20.68 -6.49
CA ARG A 121 -9.56 21.83 -6.81
C ARG A 121 -8.36 21.95 -5.86
N GLY A 122 -7.20 22.13 -6.45
CA GLY A 122 -6.00 22.48 -5.70
C GLY A 122 -5.71 23.97 -5.81
N ASN A 123 -4.75 24.45 -5.02
CA ASN A 123 -4.37 25.87 -5.08
C ASN A 123 -3.76 26.28 -6.43
N HIS A 124 -3.29 25.30 -7.20
CA HIS A 124 -2.76 25.60 -8.54
C HIS A 124 -3.80 25.65 -9.65
N GLU A 125 -5.04 25.24 -9.34
CA GLU A 125 -6.15 25.34 -10.31
C GLU A 125 -6.78 26.72 -10.14
N CYS A 126 -5.96 27.71 -10.46
CA CYS A 126 -6.23 29.11 -10.12
C CYS A 126 -5.33 29.95 -10.99
N ALA A 127 -5.92 30.84 -11.77
CA ALA A 127 -5.18 31.63 -12.76
C ALA A 127 -4.01 32.40 -12.16
N SER A 128 -4.24 33.00 -10.98
CA SER A 128 -3.23 33.84 -10.29
C SER A 128 -1.96 33.01 -10.07
N ILE A 129 -2.16 31.75 -9.68
CA ILE A 129 -1.06 30.86 -9.30
C ILE A 129 -0.42 30.20 -10.50
N ASN A 130 -1.24 29.66 -11.39
CA ASN A 130 -0.67 28.94 -12.51
C ASN A 130 -0.12 29.92 -13.57
N ARG A 131 -0.38 31.23 -13.42
CA ARG A 131 0.30 32.25 -14.21
CA ARG A 131 0.30 32.26 -14.21
C ARG A 131 1.79 32.26 -13.90
N ILE A 132 2.12 32.08 -12.62
CA ILE A 132 3.47 32.15 -12.07
C ILE A 132 4.24 30.83 -12.22
N TYR A 133 3.58 29.69 -11.98
CA TYR A 133 4.29 28.41 -11.74
C TYR A 133 4.28 27.40 -12.90
N GLY A 134 3.88 27.85 -14.10
CA GLY A 134 4.20 27.12 -15.32
C GLY A 134 3.11 26.91 -16.35
N PHE A 135 1.87 26.81 -15.88
CA PHE A 135 0.78 26.41 -16.79
C PHE A 135 0.45 27.46 -17.83
N TYR A 136 0.47 28.73 -17.45
CA TYR A 136 0.30 29.81 -18.40
C TYR A 136 1.33 29.70 -19.50
N ASP A 137 2.58 29.52 -19.09
CA ASP A 137 3.66 29.46 -20.09
C ASP A 137 3.49 28.27 -21.02
N GLU A 138 3.10 27.12 -20.46
CA GLU A 138 2.89 25.89 -21.23
C GLU A 138 1.76 26.12 -22.25
N CYS A 139 0.65 26.70 -21.78
CA CYS A 139 -0.46 27.05 -22.69
C CYS A 139 -0.06 28.02 -23.80
N LYS A 140 0.68 29.07 -23.47
CA LYS A 140 1.07 30.04 -24.45
C LYS A 140 1.98 29.42 -25.50
N ARG A 141 2.86 28.55 -25.06
CA ARG A 141 3.81 27.90 -25.95
C ARG A 141 3.15 26.87 -26.87
N ARG A 142 2.32 26.00 -26.30
CA ARG A 142 1.77 24.88 -27.05
C ARG A 142 0.41 25.12 -27.67
N TYR A 143 -0.32 26.12 -27.14
CA TYR A 143 -1.63 26.50 -27.68
C TYR A 143 -1.66 28.02 -27.76
N ASN A 144 -2.57 28.65 -27.01
CA ASN A 144 -2.59 30.10 -26.92
C ASN A 144 -3.19 30.49 -25.57
N ILE A 145 -3.13 31.78 -25.24
CA ILE A 145 -3.63 32.25 -23.96
C ILE A 145 -5.18 32.20 -23.89
N LYS A 146 -5.87 32.22 -25.03
CA LYS A 146 -7.33 32.06 -24.98
C LYS A 146 -7.66 30.67 -24.40
N LEU A 147 -6.87 29.67 -24.77
CA LEU A 147 -7.12 28.32 -24.24
C LEU A 147 -6.80 28.26 -22.74
N TRP A 148 -5.78 29.01 -22.30
CA TRP A 148 -5.48 29.13 -20.88
C TRP A 148 -6.70 29.64 -20.10
N LYS A 149 -7.36 30.67 -20.62
CA LYS A 149 -8.56 31.20 -19.97
C LYS A 149 -9.71 30.17 -19.98
N THR A 150 -9.83 29.41 -21.05
CA THR A 150 -10.79 28.30 -21.09
C THR A 150 -10.55 27.29 -19.94
N PHE A 151 -9.28 26.92 -19.73
CA PHE A 151 -8.88 26.09 -18.58
C PHE A 151 -9.32 26.75 -17.25
N THR A 152 -8.98 28.04 -17.08
CA THR A 152 -9.37 28.81 -15.89
C THR A 152 -10.85 28.74 -15.61
N ASP A 153 -11.65 28.93 -16.64
CA ASP A 153 -13.10 28.91 -16.51
C ASP A 153 -13.58 27.55 -16.03
N CYS A 154 -12.89 26.49 -16.45
CA CYS A 154 -13.21 25.14 -16.00
C CYS A 154 -12.78 24.92 -14.53
N PHE A 155 -11.55 25.34 -14.21
CA PHE A 155 -11.01 25.20 -12.88
C PHE A 155 -11.87 25.93 -11.87
N ASN A 156 -12.45 27.06 -12.27
CA ASN A 156 -13.29 27.86 -11.37
C ASN A 156 -14.57 27.14 -10.95
N CYS A 157 -14.89 26.01 -11.59
CA CYS A 157 -16.05 25.20 -11.29
C CYS A 157 -15.77 23.87 -10.55
N LEU A 158 -14.51 23.57 -10.27
CA LEU A 158 -14.18 22.32 -9.60
C LEU A 158 -14.76 22.29 -8.19
N PRO A 159 -15.13 21.07 -7.73
CA PRO A 159 -15.54 20.93 -6.34
C PRO A 159 -14.33 21.10 -5.42
N ILE A 160 -14.59 21.35 -4.16
CA ILE A 160 -13.50 21.73 -3.25
CA ILE A 160 -13.58 21.78 -3.18
C ILE A 160 -13.26 20.75 -2.10
N ALA A 161 -14.21 19.86 -1.82
CA ALA A 161 -14.07 18.84 -0.79
C ALA A 161 -14.89 17.60 -1.11
N ALA A 162 -14.54 16.48 -0.47
CA ALA A 162 -15.27 15.23 -0.59
C ALA A 162 -15.32 14.54 0.76
N ILE A 163 -16.43 13.88 1.05
CA ILE A 163 -16.51 13.00 2.21
C ILE A 163 -16.82 11.58 1.72
N VAL A 164 -15.93 10.66 2.08
CA VAL A 164 -16.05 9.27 1.72
C VAL A 164 -16.76 8.52 2.84
N ASP A 165 -17.91 7.97 2.50
CA ASP A 165 -18.73 7.16 3.43
C ASP A 165 -18.93 7.80 4.80
N GLU A 166 -19.19 9.10 4.80
CA GLU A 166 -19.41 9.89 6.01
C GLU A 166 -18.26 9.84 7.03
N LYS A 167 -17.06 9.43 6.61
CA LYS A 167 -15.98 9.20 7.57
C LYS A 167 -14.59 9.77 7.19
N ILE A 168 -14.28 9.89 5.89
CA ILE A 168 -13.02 10.46 5.46
C ILE A 168 -13.29 11.82 4.79
N PHE A 169 -12.83 12.90 5.43
CA PHE A 169 -12.97 14.24 4.87
C PHE A 169 -11.74 14.52 4.03
N CYS A 170 -11.96 14.82 2.75
CA CYS A 170 -10.89 15.04 1.79
C CYS A 170 -10.89 16.45 1.23
N CYS A 171 -9.73 17.07 1.21
CA CYS A 171 -9.57 18.37 0.56
C CYS A 171 -8.12 18.55 0.20
N HIS A 172 -7.83 19.56 -0.60
CA HIS A 172 -6.49 19.69 -1.06
C HIS A 172 -5.50 20.15 0.02
N GLY A 173 -5.86 21.25 0.69
CA GLY A 173 -4.98 21.93 1.64
C GLY A 173 -5.25 21.44 3.04
N GLY A 174 -6.32 21.92 3.65
CA GLY A 174 -6.61 21.52 5.01
C GLY A 174 -7.78 22.23 5.61
N LEU A 175 -7.80 22.24 6.94
CA LEU A 175 -8.89 22.82 7.66
C LEU A 175 -8.87 24.35 7.63
N SER A 176 -9.97 24.95 8.05
CA SER A 176 -10.12 26.39 8.12
C SER A 176 -10.64 26.77 9.49
N PRO A 177 -10.14 27.87 10.06
CA PRO A 177 -10.77 28.37 11.27
C PRO A 177 -12.19 28.91 11.01
N ASP A 178 -12.55 29.12 9.74
CA ASP A 178 -13.92 29.51 9.40
C ASP A 178 -14.87 28.31 9.19
N LEU A 179 -14.36 27.09 9.20
CA LEU A 179 -15.18 25.90 8.92
C LEU A 179 -15.85 25.36 10.18
N GLN A 180 -17.07 25.80 10.41
CA GLN A 180 -17.86 25.32 11.55
C GLN A 180 -18.86 24.25 11.17
N SER A 181 -19.40 24.35 9.95
CA SER A 181 -20.42 23.43 9.45
C SER A 181 -20.12 23.07 7.99
N MET A 182 -20.48 21.85 7.60
CA MET A 182 -20.29 21.38 6.23
C MET A 182 -21.18 22.15 5.29
N GLU A 183 -22.30 22.65 5.82
CA GLU A 183 -23.18 23.49 5.02
C GLU A 183 -22.48 24.74 4.47
N GLN A 184 -21.48 25.23 5.20
CA GLN A 184 -20.70 26.37 4.74
C GLN A 184 -19.98 26.08 3.44
N ILE A 185 -19.54 24.83 3.27
CA ILE A 185 -18.90 24.45 2.02
C ILE A 185 -19.96 24.38 0.94
N ARG A 186 -21.08 23.73 1.27
CA ARG A 186 -22.18 23.53 0.33
C ARG A 186 -22.76 24.83 -0.20
N ARG A 187 -22.71 25.87 0.62
CA ARG A 187 -23.20 27.20 0.25
C ARG A 187 -22.33 27.96 -0.75
N ILE A 188 -21.09 27.53 -0.95
CA ILE A 188 -20.18 28.27 -1.84
C ILE A 188 -20.65 28.14 -3.28
N MET A 189 -20.83 29.27 -3.95
CA MET A 189 -21.34 29.29 -5.32
CA MET A 189 -21.34 29.33 -5.32
C MET A 189 -20.22 29.23 -6.35
N ARG A 190 -20.52 28.61 -7.49
CA ARG A 190 -19.56 28.52 -8.59
C ARG A 190 -20.18 29.08 -9.89
N PRO A 191 -19.34 29.57 -10.82
CA PRO A 191 -17.87 29.61 -10.74
C PRO A 191 -17.39 30.63 -9.72
N THR A 192 -16.21 30.38 -9.18
CA THR A 192 -15.54 31.28 -8.28
C THR A 192 -14.02 31.22 -8.48
N ASP A 193 -13.32 32.34 -8.27
CA ASP A 193 -11.87 32.28 -8.13
C ASP A 193 -11.59 31.88 -6.68
N VAL A 194 -10.34 31.60 -6.39
CA VAL A 194 -9.92 31.34 -5.04
C VAL A 194 -9.70 32.71 -4.42
N PRO A 195 -10.40 33.02 -3.31
CA PRO A 195 -10.20 34.32 -2.69
C PRO A 195 -8.88 34.36 -1.93
N ASP A 196 -8.47 35.57 -1.56
CA ASP A 196 -7.20 35.81 -0.87
CA ASP A 196 -7.21 35.82 -0.86
C ASP A 196 -7.26 35.32 0.58
N GLN A 197 -8.47 35.13 1.12
CA GLN A 197 -8.66 34.69 2.49
C GLN A 197 -10.04 34.04 2.65
N GLY A 198 -10.19 33.27 3.72
CA GLY A 198 -11.48 32.71 4.07
C GLY A 198 -11.56 31.23 3.85
N LEU A 199 -12.77 30.69 4.00
CA LEU A 199 -13.02 29.25 3.95
C LEU A 199 -12.44 28.57 2.72
N LEU A 200 -12.80 29.04 1.53
CA LEU A 200 -12.38 28.38 0.27
C LEU A 200 -10.87 28.42 0.13
N CYS A 201 -10.29 29.58 0.43
CA CYS A 201 -8.84 29.74 0.47
C CYS A 201 -8.16 28.70 1.35
N ASP A 202 -8.59 28.63 2.60
CA ASP A 202 -7.99 27.73 3.58
C ASP A 202 -8.09 26.25 3.15
N LEU A 203 -9.23 25.84 2.59
CA LEU A 203 -9.41 24.44 2.15
C LEU A 203 -8.39 24.07 1.08
N LEU A 204 -7.96 25.06 0.30
CA LEU A 204 -6.97 24.84 -0.75
C LEU A 204 -5.53 25.12 -0.34
N TRP A 205 -5.30 25.78 0.81
CA TRP A 205 -3.98 26.30 1.14
C TRP A 205 -3.37 25.94 2.49
N SER A 206 -4.19 25.59 3.48
CA SER A 206 -3.67 25.41 4.84
C SER A 206 -2.83 24.14 4.96
N ASP A 207 -1.98 24.09 6.00
CA ASP A 207 -1.12 22.94 6.27
C ASP A 207 -1.17 22.54 7.75
N PRO A 208 -1.07 21.23 8.02
CA PRO A 208 -0.88 20.77 9.40
C PRO A 208 0.56 21.07 9.84
N ASP A 209 0.78 21.24 11.13
CA ASP A 209 2.12 21.54 11.61
C ASP A 209 2.29 20.92 13.01
N LYS A 210 3.34 20.12 13.16
CA LYS A 210 3.61 19.42 14.43
CA LYS A 210 3.62 19.42 14.43
C LYS A 210 3.94 20.38 15.57
N ASP A 211 4.39 21.60 15.23
CA ASP A 211 4.87 22.57 16.22
C ASP A 211 3.91 23.71 16.53
N VAL A 212 2.76 23.75 15.87
CA VAL A 212 1.76 24.79 16.14
C VAL A 212 0.75 24.27 17.16
N GLN A 213 0.36 25.13 18.09
CA GLN A 213 -0.75 24.82 18.97
C GLN A 213 -1.90 25.70 18.50
N GLY A 214 -2.96 25.09 18.01
CA GLY A 214 -4.08 25.82 17.44
C GLY A 214 -3.78 26.24 16.03
N TRP A 215 -4.06 27.50 15.71
CA TRP A 215 -3.90 28.06 14.37
C TRP A 215 -2.69 28.97 14.32
N GLY A 216 -1.88 28.84 13.27
CA GLY A 216 -0.64 29.59 13.14
C GLY A 216 -0.50 30.24 11.78
N GLU A 217 0.52 31.07 11.63
CA GLU A 217 0.79 31.75 10.37
C GLU A 217 1.39 30.74 9.40
N ASN A 218 0.96 30.80 8.15
CA ASN A 218 1.48 29.90 7.13
C ASN A 218 2.61 30.58 6.36
N ASP A 219 3.79 29.95 6.33
CA ASP A 219 4.96 30.47 5.62
C ASP A 219 4.75 30.59 4.10
N ARG A 220 3.69 30.03 3.57
CA ARG A 220 3.33 30.24 2.16
C ARG A 220 2.89 31.69 1.86
N GLY A 221 2.51 32.45 2.88
CA GLY A 221 2.02 33.82 2.69
C GLY A 221 0.51 33.88 2.52
N VAL A 222 -0.14 32.72 2.60
CA VAL A 222 -1.56 32.57 2.44
C VAL A 222 -2.05 31.65 3.53
N SER A 223 -3.25 31.89 4.05
CA SER A 223 -3.90 30.94 4.94
C SER A 223 -3.12 30.69 6.25
N PHE A 224 -3.28 29.49 6.82
CA PHE A 224 -2.79 29.16 8.17
C PHE A 224 -2.16 27.80 8.25
N THR A 225 -1.54 27.57 9.39
CA THR A 225 -1.21 26.22 9.82
C THR A 225 -2.14 25.82 10.97
N PHE A 226 -2.29 24.51 11.16
CA PHE A 226 -3.12 23.97 12.23
C PHE A 226 -2.46 22.76 12.90
N GLY A 227 -2.75 22.58 14.19
CA GLY A 227 -2.13 21.53 14.99
C GLY A 227 -2.99 20.29 15.16
N ALA A 228 -2.45 19.32 15.90
CA ALA A 228 -3.09 18.01 16.04
C ALA A 228 -4.42 18.07 16.79
N GLU A 229 -4.54 18.98 17.75
CA GLU A 229 -5.78 19.07 18.50
C GLU A 229 -6.88 19.74 17.71
N VAL A 230 -6.52 20.64 16.79
CA VAL A 230 -7.49 21.15 15.83
C VAL A 230 -8.07 19.97 15.03
N VAL A 231 -7.21 19.06 14.57
CA VAL A 231 -7.63 17.86 13.82
C VAL A 231 -8.51 16.97 14.69
N ALA A 232 -8.02 16.64 15.89
CA ALA A 232 -8.78 15.82 16.84
C ALA A 232 -10.19 16.38 17.10
N LYS A 233 -10.27 17.68 17.34
CA LYS A 233 -11.53 18.34 17.66
C LYS A 233 -12.48 18.33 16.48
N PHE A 234 -11.94 18.56 15.28
CA PHE A 234 -12.71 18.55 14.05
C PHE A 234 -13.31 17.16 13.78
N LEU A 235 -12.51 16.10 13.94
CA LEU A 235 -13.00 14.75 13.70
C LEU A 235 -14.10 14.38 14.68
N HIS A 236 -13.88 14.70 15.95
CA HIS A 236 -14.86 14.42 16.99
C HIS A 236 -16.18 15.13 16.69
N LYS A 237 -16.09 16.42 16.38
CA LYS A 237 -17.26 17.25 16.17
C LYS A 237 -18.12 16.76 15.01
N HIS A 238 -17.46 16.30 13.94
CA HIS A 238 -18.16 15.94 12.72
C HIS A 238 -18.27 14.43 12.51
N ASP A 239 -17.90 13.65 13.53
CA ASP A 239 -18.04 12.19 13.52
C ASP A 239 -17.30 11.58 12.33
N LEU A 240 -16.09 12.06 12.12
CA LEU A 240 -15.21 11.61 11.04
C LEU A 240 -14.07 10.81 11.65
N ASP A 241 -13.43 9.96 10.83
CA ASP A 241 -12.30 9.11 11.24
C ASP A 241 -10.95 9.61 10.73
N LEU A 242 -10.95 10.33 9.60
CA LEU A 242 -9.72 10.67 8.91
C LEU A 242 -9.90 11.93 8.08
N ILE A 243 -8.89 12.79 8.09
CA ILE A 243 -8.71 13.83 7.10
C ILE A 243 -7.64 13.36 6.10
N CYS A 244 -7.96 13.45 4.81
CA CYS A 244 -7.05 13.07 3.75
C CYS A 244 -6.82 14.32 2.90
N ARG A 245 -5.58 14.73 2.78
CA ARG A 245 -5.24 15.96 2.09
C ARG A 245 -3.92 15.77 1.34
N ALA A 246 -3.47 16.81 0.62
CA ALA A 246 -2.32 16.69 -0.28
C ALA A 246 -1.38 17.88 -0.06
N HIS A 247 -0.96 18.60 -1.12
CA HIS A 247 -0.47 20.00 -0.99
C HIS A 247 0.99 20.14 -0.54
N GLN A 248 1.50 19.19 0.23
CA GLN A 248 2.88 19.19 0.70
C GLN A 248 3.66 17.95 0.24
N VAL A 249 4.79 18.17 -0.42
CA VAL A 249 5.68 17.10 -0.78
C VAL A 249 6.12 16.42 0.52
N VAL A 250 6.07 15.08 0.50
CA VAL A 250 6.44 14.24 1.64
C VAL A 250 7.27 13.07 1.10
N GLU A 251 8.34 12.75 1.83
CA GLU A 251 9.39 11.84 1.32
C GLU A 251 8.89 10.46 0.95
N ASP A 252 7.94 9.94 1.72
CA ASP A 252 7.41 8.59 1.47
C ASP A 252 6.21 8.55 0.50
N GLY A 253 5.82 9.70 -0.02
CA GLY A 253 4.58 9.82 -0.81
C GLY A 253 3.31 9.95 0.01
N TYR A 254 3.35 9.44 1.24
CA TYR A 254 2.27 9.66 2.20
C TYR A 254 2.88 9.85 3.56
N GLU A 255 2.15 10.60 4.39
CA GLU A 255 2.62 10.86 5.74
C GLU A 255 1.43 11.10 6.65
N PHE A 256 1.38 10.34 7.74
CA PHE A 256 0.35 10.51 8.73
C PHE A 256 0.68 11.62 9.74
N PHE A 257 -0.37 12.12 10.39
CA PHE A 257 -0.27 13.27 11.30
C PHE A 257 -1.35 13.08 12.40
N ALA A 258 -1.11 13.63 13.58
CA ALA A 258 -2.09 13.60 14.67
C ALA A 258 -2.59 12.20 15.01
N LYS A 259 -1.67 11.30 15.34
CA LYS A 259 -2.01 9.90 15.70
C LYS A 259 -2.86 9.24 14.60
N ARG A 260 -2.43 9.44 13.35
CA ARG A 260 -3.05 8.89 12.15
C ARG A 260 -4.46 9.36 11.88
N GLN A 261 -4.82 10.52 12.44
CA GLN A 261 -6.13 11.14 12.19
C GLN A 261 -6.12 11.96 10.91
N LEU A 262 -4.93 12.25 10.39
CA LEU A 262 -4.77 12.94 9.11
C LEU A 262 -3.65 12.27 8.29
N VAL A 263 -3.84 12.22 6.98
CA VAL A 263 -2.80 11.74 6.06
C VAL A 263 -2.62 12.76 4.94
N THR A 264 -1.35 12.98 4.58
CA THR A 264 -0.97 13.78 3.43
C THR A 264 -0.53 12.82 2.32
N LEU A 265 -1.09 13.00 1.14
CA LEU A 265 -0.75 12.23 -0.05
C LEU A 265 -0.12 13.14 -1.07
N PHE A 266 0.95 12.68 -1.70
CA PHE A 266 1.60 13.46 -2.74
C PHE A 266 2.00 12.47 -3.82
N SER A 267 1.52 12.66 -5.05
CA SER A 267 1.60 11.55 -6.02
C SER A 267 2.66 11.72 -7.10
N ALA A 268 3.44 12.80 -7.03
CA ALA A 268 4.46 13.11 -8.04
C ALA A 268 5.85 12.79 -7.49
N PRO A 269 6.44 11.65 -7.91
CA PRO A 269 7.77 11.27 -7.40
C PRO A 269 8.86 12.16 -7.93
N ASN A 270 9.97 12.26 -7.21
CA ASN A 270 11.07 13.10 -7.65
C ASN A 270 10.60 14.50 -8.06
N TYR A 271 9.82 15.10 -7.17
CA TYR A 271 9.04 16.29 -7.44
C TYR A 271 9.91 17.42 -7.94
N CYS A 272 9.45 18.00 -9.04
CA CYS A 272 10.19 19.00 -9.77
C CYS A 272 11.51 18.72 -10.40
N GLY A 273 11.94 17.47 -10.24
CA GLY A 273 13.32 17.07 -10.46
C GLY A 273 14.21 17.59 -9.36
N GLU A 274 13.61 18.04 -8.25
CA GLU A 274 14.34 18.70 -7.17
C GLU A 274 14.36 17.90 -5.86
N PHE A 275 13.37 17.05 -5.65
CA PHE A 275 13.26 16.25 -4.44
C PHE A 275 13.49 14.78 -4.78
N ASP A 276 13.77 13.97 -3.76
CA ASP A 276 13.94 12.52 -3.94
C ASP A 276 12.77 11.77 -3.28
N ASN A 277 11.58 12.34 -3.38
CA ASN A 277 10.39 11.77 -2.73
C ASN A 277 9.80 10.66 -3.57
N ALA A 278 9.12 9.73 -2.89
CA ALA A 278 8.19 8.83 -3.54
C ALA A 278 6.86 9.55 -3.83
N GLY A 279 6.07 8.98 -4.72
CA GLY A 279 4.69 9.42 -4.90
C GLY A 279 3.79 8.29 -4.46
N ALA A 280 2.70 8.60 -3.78
CA ALA A 280 1.80 7.55 -3.31
C ALA A 280 0.35 7.82 -3.72
N MET A 281 -0.37 6.72 -3.85
CA MET A 281 -1.79 6.71 -4.08
C MET A 281 -2.36 5.82 -2.98
N MET A 282 -3.45 6.26 -2.38
CA MET A 282 -4.03 5.53 -1.26
C MET A 282 -5.24 4.74 -1.75
N SER A 283 -5.19 3.45 -1.47
CA SER A 283 -6.28 2.55 -1.75
CA SER A 283 -6.30 2.52 -1.74
C SER A 283 -7.18 2.43 -0.52
N VAL A 284 -8.46 2.79 -0.66
CA VAL A 284 -9.44 2.73 0.43
C VAL A 284 -10.40 1.57 0.12
N ASP A 285 -10.40 0.53 0.95
CA ASP A 285 -11.21 -0.64 0.64
C ASP A 285 -12.65 -0.41 1.11
N GLU A 286 -13.50 -1.41 0.91
CA GLU A 286 -14.92 -1.30 1.21
C GLU A 286 -15.22 -0.91 2.66
N THR A 287 -14.33 -1.29 3.58
CA THR A 287 -14.52 -0.98 4.99
C THR A 287 -13.68 0.22 5.45
N LEU A 288 -13.13 0.97 4.49
CA LEU A 288 -12.36 2.17 4.71
C LEU A 288 -10.95 1.91 5.25
N MET A 289 -10.49 0.68 5.11
CA MET A 289 -9.13 0.37 5.43
C MET A 289 -8.20 0.90 4.35
N CYS A 290 -7.12 1.58 4.77
CA CYS A 290 -6.20 2.25 3.85
C CYS A 290 -4.87 1.52 3.61
N SER A 291 -4.49 1.43 2.35
CA SER A 291 -3.19 0.89 1.95
C SER A 291 -2.67 1.78 0.81
N PHE A 292 -1.44 1.50 0.38
CA PHE A 292 -0.75 2.39 -0.52
C PHE A 292 -0.12 1.69 -1.70
N GLN A 293 -0.21 2.37 -2.82
CA GLN A 293 0.55 2.01 -4.01
C GLN A 293 1.48 3.18 -4.24
N ILE A 294 2.74 2.83 -4.47
CA ILE A 294 3.85 3.80 -4.38
CA ILE A 294 3.85 3.79 -4.38
C ILE A 294 4.75 3.79 -5.61
N LEU A 295 5.00 4.97 -6.15
CA LEU A 295 6.02 5.19 -7.16
C LEU A 295 7.27 5.59 -6.41
N LYS A 296 8.17 4.63 -6.28
CA LYS A 296 9.44 4.86 -5.59
C LYS A 296 10.28 5.87 -6.33
N PRO A 297 11.11 6.63 -5.59
CA PRO A 297 11.99 7.57 -6.29
C PRO A 297 13.01 6.88 -7.21
N ALA A 298 13.51 7.65 -8.17
CA ALA A 298 14.45 7.14 -9.17
C ALA A 298 15.73 6.78 -8.46
N SER B 5 -10.05 -30.08 24.30
CA SER B 5 -10.09 -29.34 25.60
C SER B 5 -9.17 -28.13 25.57
N LEU B 6 -8.78 -27.70 24.36
CA LEU B 6 -7.89 -26.55 24.20
C LEU B 6 -8.76 -25.29 24.33
N ASN B 7 -8.51 -24.46 25.36
CA ASN B 7 -9.29 -23.22 25.49
C ASN B 7 -8.64 -22.15 24.64
N LEU B 8 -8.97 -22.25 23.36
CA LEU B 8 -8.35 -21.45 22.35
C LEU B 8 -8.63 -19.97 22.56
N ASP B 9 -9.87 -19.65 22.89
CA ASP B 9 -10.23 -18.25 23.07
C ASP B 9 -9.47 -17.60 24.24
N SER B 10 -9.30 -18.36 25.32
CA SER B 10 -8.50 -17.91 26.47
C SER B 10 -7.04 -17.64 26.10
N ILE B 11 -6.48 -18.57 25.35
CA ILE B 11 -5.11 -18.46 24.85
C ILE B 11 -4.94 -17.20 24.02
N ILE B 12 -5.81 -17.02 23.04
CA ILE B 12 -5.77 -15.82 22.20
C ILE B 12 -5.96 -14.54 23.04
N GLY B 13 -6.91 -14.55 23.97
CA GLY B 13 -7.19 -13.36 24.79
C GLY B 13 -5.95 -12.95 25.58
N ARG B 14 -5.29 -13.94 26.18
CA ARG B 14 -4.03 -13.70 26.92
C ARG B 14 -2.91 -13.21 26.03
N LEU B 15 -2.79 -13.75 24.82
CA LEU B 15 -1.80 -13.29 23.87
C LEU B 15 -2.05 -11.84 23.46
N LEU B 16 -3.31 -11.48 23.30
CA LEU B 16 -3.67 -10.11 22.84
C LEU B 16 -3.70 -9.08 23.96
N GLU B 17 -3.84 -9.55 25.22
CA GLU B 17 -3.95 -8.69 26.43
C GLU B 17 -2.84 -7.65 26.51
N VAL B 18 -1.65 -8.04 26.04
CA VAL B 18 -0.46 -7.21 26.22
C VAL B 18 -0.33 -6.08 25.19
N GLN B 19 -1.20 -6.05 24.20
CA GLN B 19 -1.17 -5.00 23.21
C GLN B 19 -1.32 -3.68 23.99
N GLY B 20 -0.39 -2.76 23.78
CA GLY B 20 -0.41 -1.48 24.48
C GLY B 20 0.37 -1.49 25.78
N SER B 21 0.74 -2.68 26.26
CA SER B 21 1.73 -2.82 27.33
C SER B 21 3.05 -2.31 26.82
N ARG B 22 3.90 -1.88 27.76
CA ARG B 22 5.18 -1.30 27.40
C ARG B 22 5.70 -1.15 25.94
N PRO B 23 6.13 -2.25 25.25
CA PRO B 23 6.56 -3.65 25.49
C PRO B 23 7.54 -3.79 26.68
N GLY B 24 8.42 -4.81 26.73
CA GLY B 24 8.35 -6.06 25.96
C GLY B 24 7.82 -7.14 26.89
N LYS B 25 6.59 -6.92 27.36
CA LYS B 25 5.95 -7.81 28.32
C LYS B 25 5.70 -9.19 27.71
N ASN B 26 6.05 -10.23 28.44
CA ASN B 26 5.87 -11.61 27.94
C ASN B 26 4.44 -12.09 28.14
N VAL B 27 4.06 -13.07 27.36
CA VAL B 27 2.84 -13.86 27.61
C VAL B 27 3.30 -15.31 27.77
N GLN B 28 3.07 -15.86 28.96
CA GLN B 28 3.56 -17.21 29.32
C GLN B 28 2.37 -18.13 29.43
N LEU B 29 2.13 -18.84 28.34
CA LEU B 29 1.11 -19.87 28.30
C LEU B 29 1.62 -21.09 29.07
N THR B 30 0.75 -22.05 29.34
CA THR B 30 1.21 -23.27 29.97
C THR B 30 1.85 -24.18 28.91
N GLU B 31 2.73 -25.07 29.35
CA GLU B 31 3.31 -26.13 28.54
C GLU B 31 2.23 -26.92 27.85
N ASN B 32 1.19 -27.32 28.58
CA ASN B 32 0.10 -28.07 27.95
C ASN B 32 -0.68 -27.31 26.90
N GLU B 33 -0.87 -26.00 27.11
CA GLU B 33 -1.52 -25.16 26.11
C GLU B 33 -0.71 -25.14 24.82
N ILE B 34 0.60 -24.98 24.95
CA ILE B 34 1.47 -24.91 23.78
C ILE B 34 1.54 -26.28 23.08
N ARG B 35 1.61 -27.34 23.85
CA ARG B 35 1.48 -28.69 23.28
C ARG B 35 0.21 -28.87 22.47
N GLY B 36 -0.89 -28.36 23.00
CA GLY B 36 -2.17 -28.40 22.31
C GLY B 36 -2.19 -27.60 21.03
N LEU B 37 -1.60 -26.40 21.09
CA LEU B 37 -1.47 -25.55 19.90
C LEU B 37 -0.69 -26.29 18.81
N CYS B 38 0.43 -26.89 19.20
CA CYS B 38 1.27 -27.60 18.22
C CYS B 38 0.57 -28.82 17.64
N LEU B 39 -0.12 -29.57 18.50
CA LEU B 39 -0.81 -30.81 18.07
CA LEU B 39 -0.78 -30.79 18.06
C LEU B 39 -1.99 -30.52 17.15
N LYS B 40 -2.85 -29.60 17.55
CA LYS B 40 -4.02 -29.24 16.77
C LYS B 40 -3.64 -28.58 15.46
N SER B 41 -2.68 -27.67 15.46
CA SER B 41 -2.23 -27.03 14.22
C SER B 41 -1.59 -28.03 13.26
N ARG B 42 -0.75 -28.92 13.79
CA ARG B 42 -0.13 -29.99 13.01
C ARG B 42 -1.19 -30.84 12.26
N GLU B 43 -2.23 -31.26 12.98
CA GLU B 43 -3.36 -31.99 12.38
C GLU B 43 -3.95 -31.22 11.19
N ILE B 44 -4.19 -29.93 11.40
CA ILE B 44 -4.74 -29.09 10.37
C ILE B 44 -3.80 -28.97 9.15
N PHE B 45 -2.52 -28.73 9.40
CA PHE B 45 -1.54 -28.60 8.34
C PHE B 45 -1.50 -29.85 7.49
N LEU B 46 -1.50 -31.01 8.13
CA LEU B 46 -1.48 -32.26 7.38
C LEU B 46 -2.79 -32.54 6.62
N SER B 47 -3.90 -32.01 7.11
CA SER B 47 -5.20 -32.17 6.47
C SER B 47 -5.29 -31.31 5.22
N GLN B 48 -4.57 -30.20 5.20
CA GLN B 48 -4.64 -29.27 4.09
C GLN B 48 -3.48 -29.57 3.15
N PRO B 49 -3.60 -29.18 1.87
CA PRO B 49 -2.53 -29.42 0.92
C PRO B 49 -1.19 -28.78 1.29
N ILE B 50 -0.09 -29.43 0.88
CA ILE B 50 1.25 -28.85 1.02
C ILE B 50 1.45 -27.65 0.08
N LEU B 51 0.73 -27.66 -1.04
CA LEU B 51 0.64 -26.52 -1.97
C LEU B 51 -0.77 -25.95 -1.86
N LEU B 52 -0.90 -24.85 -1.12
CA LEU B 52 -2.21 -24.28 -0.81
C LEU B 52 -2.78 -23.63 -2.06
N GLU B 53 -4.10 -23.65 -2.16
CA GLU B 53 -4.78 -22.96 -3.23
C GLU B 53 -5.73 -21.98 -2.57
N LEU B 54 -5.34 -20.71 -2.61
CA LEU B 54 -6.01 -19.67 -1.85
C LEU B 54 -6.76 -18.71 -2.75
N GLU B 55 -7.75 -18.04 -2.18
CA GLU B 55 -8.56 -17.05 -2.86
C GLU B 55 -8.28 -15.69 -2.25
N ALA B 56 -8.29 -14.67 -3.08
CA ALA B 56 -8.21 -13.29 -2.64
C ALA B 56 -9.64 -12.81 -2.37
N PRO B 57 -9.79 -11.74 -1.58
CA PRO B 57 -8.76 -10.91 -0.99
C PRO B 57 -8.02 -11.56 0.19
N LEU B 58 -6.75 -11.19 0.36
CA LEU B 58 -5.96 -11.58 1.52
C LEU B 58 -4.82 -10.62 1.74
N LYS B 59 -4.28 -10.71 2.95
CA LYS B 59 -3.12 -9.92 3.31
C LYS B 59 -1.98 -10.90 3.47
N ILE B 60 -0.84 -10.54 2.91
CA ILE B 60 0.33 -11.42 2.90
C ILE B 60 1.49 -10.74 3.65
N CYS B 61 2.09 -11.50 4.60
CA CYS B 61 3.18 -11.02 5.44
CA CYS B 61 3.22 -11.00 5.42
C CYS B 61 4.45 -11.86 5.24
N GLY B 62 5.59 -11.20 5.26
CA GLY B 62 6.88 -11.83 5.22
C GLY B 62 7.42 -12.00 6.64
N ASP B 63 8.72 -11.94 6.78
CA ASP B 63 9.39 -12.43 7.98
C ASP B 63 9.00 -11.65 9.23
N ILE B 64 8.81 -12.37 10.34
CA ILE B 64 8.46 -11.76 11.63
C ILE B 64 9.61 -11.91 12.64
N HIS B 65 10.27 -13.05 12.66
CA HIS B 65 11.44 -13.25 13.52
C HIS B 65 11.25 -12.79 14.98
N GLY B 66 10.16 -13.27 15.57
CA GLY B 66 9.97 -13.06 17.00
C GLY B 66 9.70 -11.64 17.42
N GLN B 67 9.45 -10.74 16.46
CA GLN B 67 9.07 -9.34 16.78
C GLN B 67 7.60 -9.24 17.09
N TYR B 68 7.25 -9.74 18.28
CA TYR B 68 5.84 -9.93 18.64
C TYR B 68 5.03 -8.62 18.64
N TYR B 69 5.62 -7.57 19.18
CA TYR B 69 4.88 -6.30 19.24
C TYR B 69 4.64 -5.71 17.84
N ASP B 70 5.55 -5.95 16.91
CA ASP B 70 5.32 -5.59 15.52
C ASP B 70 4.27 -6.49 14.84
N LEU B 71 4.26 -7.78 15.16
CA LEU B 71 3.15 -8.65 14.72
C LEU B 71 1.83 -8.06 15.13
N LEU B 72 1.71 -7.67 16.39
CA LEU B 72 0.46 -7.05 16.85
C LEU B 72 0.15 -5.76 16.09
N ARG B 73 1.19 -4.99 15.74
CA ARG B 73 0.98 -3.78 14.92
C ARG B 73 0.48 -4.12 13.52
N LEU B 74 1.01 -5.17 12.92
CA LEU B 74 0.53 -5.61 11.61
C LEU B 74 -0.94 -5.98 11.65
N PHE B 75 -1.33 -6.74 12.69
CA PHE B 75 -2.76 -7.07 12.86
C PHE B 75 -3.61 -5.84 13.12
N GLU B 76 -3.09 -4.88 13.88
CA GLU B 76 -3.81 -3.63 14.09
C GLU B 76 -4.09 -2.91 12.78
N TYR B 77 -3.08 -2.89 11.92
CA TYR B 77 -3.18 -2.21 10.63
C TYR B 77 -4.09 -2.97 9.67
N GLY B 78 -3.88 -4.28 9.60
CA GLY B 78 -4.54 -5.14 8.62
C GLY B 78 -5.91 -5.64 9.03
N GLY B 79 -6.21 -5.55 10.33
CA GLY B 79 -7.36 -6.18 10.94
C GLY B 79 -7.00 -7.48 11.63
N PHE B 80 -7.36 -7.61 12.89
CA PHE B 80 -7.16 -8.87 13.57
C PHE B 80 -8.08 -9.97 12.99
N PRO B 81 -7.53 -11.19 12.79
CA PRO B 81 -8.38 -12.28 12.31
C PRO B 81 -9.66 -12.36 13.16
N PRO B 82 -10.81 -12.61 12.52
CA PRO B 82 -11.05 -12.96 11.12
C PRO B 82 -11.37 -11.78 10.19
N GLU B 83 -11.02 -10.55 10.59
CA GLU B 83 -11.40 -9.37 9.81
C GLU B 83 -10.79 -9.37 8.42
N SER B 84 -9.63 -10.00 8.31
CA SER B 84 -8.95 -10.23 7.04
CA SER B 84 -8.95 -10.23 7.04
C SER B 84 -8.41 -11.65 7.01
N ASN B 85 -8.37 -12.24 5.81
CA ASN B 85 -7.61 -13.46 5.57
C ASN B 85 -6.13 -13.10 5.55
N TYR B 86 -5.29 -14.01 6.05
CA TYR B 86 -3.84 -13.85 6.07
C TYR B 86 -3.13 -15.07 5.52
N LEU B 87 -2.03 -14.79 4.83
CA LEU B 87 -1.02 -15.74 4.50
C LEU B 87 0.31 -15.18 5.00
N PHE B 88 0.97 -15.95 5.87
CA PHE B 88 2.33 -15.67 6.30
C PHE B 88 3.31 -16.57 5.55
N LEU B 89 4.45 -16.02 5.22
CA LEU B 89 5.39 -16.67 4.33
C LEU B 89 6.52 -17.40 5.06
N GLY B 90 6.48 -17.46 6.39
CA GLY B 90 7.51 -18.19 7.16
C GLY B 90 8.41 -17.28 8.00
N ASP B 91 9.36 -17.89 8.67
CA ASP B 91 10.34 -17.18 9.52
C ASP B 91 9.66 -16.38 10.68
N TYR B 92 8.98 -17.16 11.50
CA TYR B 92 8.23 -16.73 12.67
C TYR B 92 9.16 -16.55 13.88
N VAL B 93 10.16 -17.40 13.95
CA VAL B 93 11.04 -17.55 15.12
C VAL B 93 12.49 -17.18 14.77
N ASP B 94 13.34 -17.13 15.81
CA ASP B 94 14.74 -16.78 15.75
C ASP B 94 14.95 -15.29 15.66
N ARG B 95 16.10 -14.83 16.15
CA ARG B 95 16.57 -13.45 16.00
C ARG B 95 15.94 -12.51 17.02
N GLY B 96 14.61 -12.45 17.09
CA GLY B 96 13.93 -11.54 18.01
C GLY B 96 13.76 -12.04 19.42
N LYS B 97 13.05 -11.22 20.20
CA LYS B 97 12.94 -11.38 21.65
C LYS B 97 11.75 -12.23 22.09
N GLN B 98 10.75 -12.37 21.22
CA GLN B 98 9.48 -13.01 21.62
C GLN B 98 8.97 -13.96 20.53
N SER B 99 9.85 -14.88 20.15
CA SER B 99 9.50 -15.94 19.19
C SER B 99 8.36 -16.77 19.75
N LEU B 100 8.38 -17.05 21.05
CA LEU B 100 7.30 -17.90 21.62
C LEU B 100 5.91 -17.29 21.45
N GLU B 101 5.76 -16.03 21.82
CA GLU B 101 4.44 -15.35 21.69
C GLU B 101 4.01 -15.31 20.23
N THR B 102 4.97 -14.99 19.36
CA THR B 102 4.74 -14.90 17.94
C THR B 102 4.18 -16.21 17.38
N ILE B 103 4.91 -17.29 17.55
CA ILE B 103 4.45 -18.55 16.99
C ILE B 103 3.15 -19.03 17.66
N CYS B 104 3.01 -18.85 18.97
CA CYS B 104 1.80 -19.28 19.61
C CYS B 104 0.56 -18.54 19.08
N LEU B 105 0.67 -17.23 18.87
CA LEU B 105 -0.47 -16.47 18.34
C LEU B 105 -0.84 -16.94 16.92
N LEU B 106 0.17 -17.16 16.09
CA LEU B 106 -0.02 -17.63 14.72
C LEU B 106 -0.66 -19.03 14.66
N LEU B 107 -0.17 -19.95 15.46
CA LEU B 107 -0.78 -21.29 15.54
C LEU B 107 -2.20 -21.24 16.09
N ALA B 108 -2.43 -20.40 17.10
CA ALA B 108 -3.76 -20.25 17.66
C ALA B 108 -4.76 -19.74 16.60
N TYR B 109 -4.37 -18.74 15.81
CA TYR B 109 -5.27 -18.27 14.74
C TYR B 109 -5.50 -19.30 13.62
N LYS B 110 -4.49 -20.11 13.35
CA LYS B 110 -4.62 -21.18 12.36
C LYS B 110 -5.69 -22.19 12.80
N ILE B 111 -5.67 -22.53 14.07
CA ILE B 111 -6.65 -23.47 14.62
C ILE B 111 -8.05 -22.82 14.67
N LYS B 112 -8.10 -21.56 15.02
CA LYS B 112 -9.34 -20.83 15.15
C LYS B 112 -10.01 -20.58 13.79
N TYR B 113 -9.22 -20.24 12.77
CA TYR B 113 -9.73 -19.83 11.46
C TYR B 113 -8.99 -20.61 10.39
N PRO B 114 -9.17 -21.94 10.38
CA PRO B 114 -8.31 -22.78 9.54
C PRO B 114 -8.51 -22.61 8.04
N GLU B 115 -9.67 -22.08 7.61
CA GLU B 115 -9.91 -21.85 6.20
C GLU B 115 -9.69 -20.40 5.80
N ASN B 116 -9.29 -19.56 6.75
CA ASN B 116 -9.11 -18.13 6.51
C ASN B 116 -7.73 -17.59 6.97
N PHE B 117 -6.84 -18.47 7.42
CA PHE B 117 -5.59 -18.06 8.01
C PHE B 117 -4.57 -19.14 7.67
N PHE B 118 -3.46 -18.74 7.07
CA PHE B 118 -2.49 -19.70 6.51
C PHE B 118 -1.06 -19.30 6.82
N LEU B 119 -0.24 -20.32 7.05
CA LEU B 119 1.16 -20.18 7.42
C LEU B 119 2.01 -21.08 6.56
N LEU B 120 3.03 -20.53 5.91
CA LEU B 120 4.01 -21.33 5.18
C LEU B 120 5.24 -21.52 6.02
N ARG B 121 6.05 -22.46 5.56
CA ARG B 121 7.31 -22.78 6.21
C ARG B 121 8.42 -21.89 5.67
N GLY B 122 9.18 -21.29 6.59
CA GLY B 122 10.43 -20.61 6.26
C GLY B 122 11.64 -21.44 6.64
N ASN B 123 12.83 -20.96 6.27
CA ASN B 123 14.05 -21.71 6.57
C ASN B 123 14.35 -21.77 8.07
N HIS B 124 13.76 -20.85 8.85
CA HIS B 124 13.90 -20.91 10.32
C HIS B 124 12.90 -21.84 11.02
N GLU B 125 11.89 -22.36 10.30
CA GLU B 125 11.00 -23.37 10.86
C GLU B 125 11.67 -24.74 10.62
N CYS B 126 12.83 -24.88 11.23
CA CYS B 126 13.76 -26.00 11.00
C CYS B 126 14.66 -26.13 12.23
N ALA B 127 14.69 -27.31 12.86
CA ALA B 127 15.43 -27.51 14.11
C ALA B 127 16.94 -27.13 14.05
N SER B 128 17.59 -27.44 12.95
CA SER B 128 19.04 -27.17 12.83
C SER B 128 19.34 -25.67 12.87
N ILE B 129 18.47 -24.87 12.24
CA ILE B 129 18.59 -23.42 12.24
C ILE B 129 18.24 -22.82 13.63
N ASN B 130 17.12 -23.24 14.24
CA ASN B 130 16.79 -22.88 15.67
C ASN B 130 17.84 -22.97 16.74
N ARG B 131 18.62 -24.06 16.75
CA ARG B 131 19.62 -24.19 17.79
C ARG B 131 20.60 -23.04 17.77
N ILE B 132 20.88 -22.55 16.57
CA ILE B 132 21.89 -21.52 16.41
CA ILE B 132 21.88 -21.51 16.32
C ILE B 132 21.31 -20.13 16.59
N TYR B 133 20.08 -19.91 16.10
CA TYR B 133 19.54 -18.53 15.93
C TYR B 133 18.51 -18.05 16.95
N GLY B 134 18.37 -18.77 18.06
CA GLY B 134 17.66 -18.26 19.23
C GLY B 134 16.49 -19.05 19.79
N PHE B 135 15.71 -19.70 18.94
CA PHE B 135 14.45 -20.30 19.40
C PHE B 135 14.64 -21.48 20.38
N TYR B 136 15.64 -22.33 20.12
CA TYR B 136 15.97 -23.39 21.06
C TYR B 136 16.24 -22.80 22.43
N ASP B 137 17.05 -21.74 22.46
CA ASP B 137 17.44 -21.12 23.74
C ASP B 137 16.24 -20.50 24.47
N GLU B 138 15.33 -19.88 23.70
CA GLU B 138 14.12 -19.28 24.26
CA GLU B 138 14.09 -19.29 24.25
C GLU B 138 13.26 -20.39 24.89
N CYS B 139 13.11 -21.50 24.18
CA CYS B 139 12.34 -22.62 24.71
C CYS B 139 12.96 -23.22 25.97
N LYS B 140 14.28 -23.41 25.94
CA LYS B 140 15.01 -23.97 27.10
C LYS B 140 14.87 -23.12 28.34
N ARG B 141 14.88 -21.79 28.15
CA ARG B 141 14.82 -20.88 29.27
C ARG B 141 13.40 -20.81 29.84
N ARG B 142 12.40 -20.64 28.95
CA ARG B 142 11.05 -20.35 29.39
C ARG B 142 10.20 -21.60 29.62
N TYR B 143 10.61 -22.72 29.03
CA TYR B 143 9.87 -23.96 29.11
CA TYR B 143 9.87 -23.96 29.12
C TYR B 143 10.86 -25.09 29.35
N ASN B 144 11.02 -25.96 28.36
CA ASN B 144 12.02 -27.00 28.40
C ASN B 144 12.36 -27.41 26.97
N ILE B 145 13.41 -28.22 26.83
CA ILE B 145 13.89 -28.67 25.52
C ILE B 145 12.86 -29.57 24.82
N LYS B 146 12.14 -30.37 25.60
CA LYS B 146 11.04 -31.17 25.04
C LYS B 146 10.03 -30.33 24.27
N LEU B 147 9.69 -29.17 24.80
CA LEU B 147 8.70 -28.32 24.13
C LEU B 147 9.21 -27.81 22.78
N TRP B 148 10.50 -27.54 22.70
CA TRP B 148 11.13 -27.17 21.44
C TRP B 148 10.97 -28.27 20.39
N LYS B 149 11.19 -29.51 20.78
CA LYS B 149 10.97 -30.65 19.91
C LYS B 149 9.51 -30.73 19.46
N THR B 150 8.59 -30.45 20.38
CA THR B 150 7.18 -30.35 20.03
C THR B 150 6.94 -29.31 18.93
N PHE B 151 7.54 -28.13 19.06
CA PHE B 151 7.47 -27.11 17.99
C PHE B 151 8.05 -27.64 16.68
N THR B 152 9.24 -28.23 16.73
CA THR B 152 9.92 -28.81 15.55
CA THR B 152 9.84 -28.66 15.46
C THR B 152 9.02 -29.77 14.76
N ASP B 153 8.37 -30.66 15.51
CA ASP B 153 7.44 -31.63 14.89
C ASP B 153 6.25 -30.97 14.21
N CYS B 154 5.81 -29.85 14.75
CA CYS B 154 4.75 -29.04 14.15
C CYS B 154 5.27 -28.37 12.88
N PHE B 155 6.46 -27.77 12.97
CA PHE B 155 7.08 -27.09 11.84
C PHE B 155 7.30 -28.03 10.67
N ASN B 156 7.67 -29.28 10.97
CA ASN B 156 7.86 -30.31 9.94
C ASN B 156 6.62 -30.60 9.09
N CYS B 157 5.44 -30.16 9.55
CA CYS B 157 4.18 -30.34 8.83
C CYS B 157 3.66 -29.10 8.11
N LEU B 158 4.38 -27.97 8.16
CA LEU B 158 3.88 -26.74 7.54
C LEU B 158 3.87 -26.89 6.03
N PRO B 159 2.89 -26.25 5.36
CA PRO B 159 2.89 -26.23 3.91
C PRO B 159 4.06 -25.37 3.40
N ILE B 160 4.47 -25.57 2.16
CA ILE B 160 5.70 -25.01 1.59
CA ILE B 160 5.68 -24.90 1.68
C ILE B 160 5.43 -23.88 0.58
N ALA B 161 4.24 -23.89 -0.03
CA ALA B 161 3.88 -22.90 -1.07
C ALA B 161 2.38 -22.70 -1.18
N ALA B 162 1.98 -21.61 -1.81
CA ALA B 162 0.56 -21.31 -2.02
C ALA B 162 0.42 -20.67 -3.39
N ILE B 163 -0.72 -20.93 -4.02
CA ILE B 163 -1.10 -20.21 -5.22
C ILE B 163 -2.40 -19.49 -4.94
N VAL B 164 -2.36 -18.18 -5.09
CA VAL B 164 -3.54 -17.34 -4.91
C VAL B 164 -4.22 -17.14 -6.26
N ASP B 165 -5.45 -17.68 -6.38
CA ASP B 165 -6.29 -17.60 -7.58
C ASP B 165 -5.56 -17.92 -8.88
N GLU B 166 -4.78 -19.01 -8.83
CA GLU B 166 -4.06 -19.52 -9.99
C GLU B 166 -3.06 -18.53 -10.60
N LYS B 167 -2.70 -17.47 -9.88
CA LYS B 167 -1.91 -16.39 -10.50
C LYS B 167 -0.73 -15.84 -9.69
N ILE B 168 -0.79 -15.93 -8.36
CA ILE B 168 0.36 -15.52 -7.54
C ILE B 168 0.95 -16.74 -6.84
N PHE B 169 2.18 -17.08 -7.21
CA PHE B 169 2.90 -18.18 -6.60
C PHE B 169 3.67 -17.66 -5.40
N CYS B 170 3.38 -18.25 -4.23
CA CYS B 170 3.93 -17.77 -2.97
C CYS B 170 4.79 -18.84 -2.32
N CYS B 171 5.99 -18.47 -1.91
CA CYS B 171 6.87 -19.34 -1.14
C CYS B 171 7.83 -18.48 -0.32
N HIS B 172 8.51 -19.07 0.67
CA HIS B 172 9.39 -18.29 1.49
C HIS B 172 10.65 -17.74 0.79
N GLY B 173 11.42 -18.65 0.20
CA GLY B 173 12.71 -18.35 -0.41
C GLY B 173 12.55 -17.98 -1.87
N GLY B 174 12.39 -18.99 -2.70
CA GLY B 174 12.16 -18.71 -4.11
C GLY B 174 12.07 -19.93 -4.97
N LEU B 175 12.51 -19.76 -6.22
CA LEU B 175 12.41 -20.82 -7.19
C LEU B 175 13.54 -21.83 -7.02
N SER B 176 13.44 -22.92 -7.77
CA SER B 176 14.40 -24.01 -7.72
C SER B 176 14.72 -24.40 -9.15
N PRO B 177 15.99 -24.75 -9.44
CA PRO B 177 16.25 -25.28 -10.78
C PRO B 177 15.60 -26.65 -11.01
N ASP B 178 15.15 -27.28 -9.92
CA ASP B 178 14.43 -28.54 -9.95
C ASP B 178 12.90 -28.43 -10.02
N LEU B 179 12.34 -27.22 -10.03
CA LEU B 179 10.88 -27.04 -10.08
C LEU B 179 10.40 -26.94 -11.52
N GLN B 180 9.99 -28.09 -12.09
CA GLN B 180 9.47 -28.18 -13.46
C GLN B 180 7.95 -28.19 -13.48
N SER B 181 7.36 -28.87 -12.49
CA SER B 181 5.91 -28.99 -12.35
C SER B 181 5.48 -28.74 -10.90
N MET B 182 4.26 -28.24 -10.75
CA MET B 182 3.69 -28.02 -9.43
C MET B 182 3.42 -29.32 -8.69
N GLU B 183 3.19 -30.40 -9.43
CA GLU B 183 2.97 -31.71 -8.82
C GLU B 183 4.19 -32.20 -8.04
N GLN B 184 5.38 -31.72 -8.42
CA GLN B 184 6.59 -32.01 -7.65
C GLN B 184 6.47 -31.51 -6.21
N ILE B 185 5.88 -30.33 -6.04
CA ILE B 185 5.64 -29.81 -4.69
C ILE B 185 4.56 -30.66 -4.00
N ARG B 186 3.47 -30.91 -4.70
CA ARG B 186 2.34 -31.66 -4.15
C ARG B 186 2.74 -33.06 -3.72
N ARG B 187 3.76 -33.63 -4.38
CA ARG B 187 4.23 -34.99 -4.10
C ARG B 187 5.12 -35.08 -2.85
N ILE B 188 5.49 -33.95 -2.25
CA ILE B 188 6.29 -33.95 -1.03
C ILE B 188 5.46 -34.41 0.16
N MET B 189 5.97 -35.43 0.87
CA MET B 189 5.26 -36.00 2.01
C MET B 189 5.68 -35.33 3.31
N ARG B 190 4.72 -35.23 4.23
CA ARG B 190 4.94 -34.66 5.55
C ARG B 190 4.55 -35.66 6.64
N PRO B 191 5.17 -35.56 7.83
CA PRO B 191 6.19 -34.58 8.21
C PRO B 191 7.52 -34.82 7.51
N THR B 192 8.31 -33.75 7.36
CA THR B 192 9.63 -33.82 6.79
C THR B 192 10.51 -32.74 7.37
N ASP B 193 11.80 -33.01 7.46
CA ASP B 193 12.77 -31.96 7.75
C ASP B 193 13.12 -31.28 6.43
N VAL B 194 13.87 -30.18 6.52
CA VAL B 194 14.32 -29.49 5.33
C VAL B 194 15.61 -30.14 4.91
N PRO B 195 15.70 -30.61 3.65
CA PRO B 195 16.96 -31.21 3.19
C PRO B 195 18.07 -30.17 2.98
N ASP B 196 19.31 -30.65 2.88
CA ASP B 196 20.49 -29.81 2.63
C ASP B 196 20.52 -29.28 1.20
N GLN B 197 19.82 -29.97 0.30
CA GLN B 197 19.80 -29.65 -1.11
C GLN B 197 18.46 -30.04 -1.74
N GLY B 198 18.11 -29.42 -2.85
CA GLY B 198 16.94 -29.85 -3.62
C GLY B 198 15.74 -28.94 -3.56
N LEU B 199 14.63 -29.41 -4.11
CA LEU B 199 13.42 -28.59 -4.30
C LEU B 199 12.96 -27.91 -3.01
N LEU B 200 12.75 -28.71 -1.96
CA LEU B 200 12.22 -28.18 -0.70
C LEU B 200 13.20 -27.18 -0.07
N CYS B 201 14.49 -27.52 -0.08
CA CYS B 201 15.53 -26.59 0.33
C CYS B 201 15.47 -25.28 -0.44
N ASP B 202 15.39 -25.35 -1.77
CA ASP B 202 15.38 -24.16 -2.62
C ASP B 202 14.16 -23.27 -2.38
N LEU B 203 12.98 -23.89 -2.22
CA LEU B 203 11.74 -23.15 -1.98
C LEU B 203 11.81 -22.31 -0.70
N LEU B 204 12.59 -22.80 0.27
CA LEU B 204 12.79 -22.12 1.55
C LEU B 204 14.04 -21.21 1.61
N TRP B 205 14.96 -21.34 0.65
CA TRP B 205 16.29 -20.72 0.78
C TRP B 205 16.81 -19.84 -0.38
N SER B 206 16.27 -20.00 -1.59
CA SER B 206 16.83 -19.30 -2.77
C SER B 206 16.53 -17.81 -2.73
N ASP B 207 17.32 -17.03 -3.46
CA ASP B 207 17.13 -15.58 -3.58
C ASP B 207 17.17 -15.12 -5.05
N PRO B 208 16.41 -14.07 -5.37
CA PRO B 208 16.59 -13.45 -6.68
C PRO B 208 17.84 -12.57 -6.64
N ASP B 209 18.47 -12.35 -7.79
CA ASP B 209 19.65 -11.51 -7.86
C ASP B 209 19.69 -10.79 -9.21
N LYS B 210 19.83 -9.47 -9.15
CA LYS B 210 19.81 -8.63 -10.35
C LYS B 210 21.06 -8.81 -11.21
N ASP B 211 22.15 -9.28 -10.58
CA ASP B 211 23.44 -9.43 -11.25
C ASP B 211 23.72 -10.85 -11.77
N VAL B 212 22.82 -11.79 -11.51
CA VAL B 212 22.96 -13.17 -11.99
C VAL B 212 22.17 -13.42 -13.28
N GLN B 213 22.75 -14.20 -14.19
CA GLN B 213 22.07 -14.68 -15.38
C GLN B 213 21.79 -16.17 -15.19
N GLY B 214 20.52 -16.55 -15.13
CA GLY B 214 20.13 -17.94 -14.87
C GLY B 214 20.16 -18.28 -13.39
N TRP B 215 21.02 -19.22 -13.02
CA TRP B 215 21.16 -19.68 -11.64
C TRP B 215 22.60 -19.45 -11.19
N GLY B 216 22.78 -18.97 -9.96
CA GLY B 216 24.13 -18.80 -9.41
C GLY B 216 24.27 -19.37 -8.01
N GLU B 217 25.51 -19.34 -7.49
CA GLU B 217 25.79 -19.72 -6.11
C GLU B 217 25.13 -18.68 -5.19
N ASN B 218 24.58 -19.13 -4.07
CA ASN B 218 24.00 -18.25 -3.10
C ASN B 218 25.00 -18.03 -1.96
N ASP B 219 25.24 -16.77 -1.60
CA ASP B 219 26.20 -16.42 -0.56
C ASP B 219 25.77 -16.86 0.84
N ARG B 220 24.49 -17.24 1.02
CA ARG B 220 24.06 -17.86 2.28
C ARG B 220 24.79 -19.19 2.54
N GLY B 221 25.28 -19.83 1.47
CA GLY B 221 25.94 -21.14 1.58
C GLY B 221 24.97 -22.29 1.36
N VAL B 222 23.74 -21.97 0.94
CA VAL B 222 22.69 -22.94 0.68
C VAL B 222 22.00 -22.51 -0.60
N SER B 223 21.60 -23.48 -1.43
CA SER B 223 20.69 -23.23 -2.54
C SER B 223 21.33 -22.26 -3.55
N PHE B 224 20.52 -21.45 -4.23
CA PHE B 224 20.97 -20.71 -5.40
C PHE B 224 20.43 -19.29 -5.42
N THR B 225 20.96 -18.50 -6.34
CA THR B 225 20.32 -17.27 -6.78
C THR B 225 19.73 -17.50 -8.16
N PHE B 226 18.75 -16.69 -8.52
CA PHE B 226 18.14 -16.75 -9.83
C PHE B 226 17.90 -15.35 -10.37
N GLY B 227 17.93 -15.23 -11.68
CA GLY B 227 17.81 -13.93 -12.34
C GLY B 227 16.41 -13.63 -12.83
N ALA B 228 16.25 -12.44 -13.42
CA ALA B 228 14.97 -11.96 -13.90
C ALA B 228 14.41 -12.83 -15.03
N GLU B 229 15.30 -13.38 -15.87
CA GLU B 229 14.89 -14.25 -16.96
C GLU B 229 14.28 -15.57 -16.46
N VAL B 230 14.87 -16.11 -15.41
CA VAL B 230 14.33 -17.31 -14.75
C VAL B 230 12.89 -17.05 -14.29
N VAL B 231 12.66 -15.90 -13.65
CA VAL B 231 11.32 -15.50 -13.22
C VAL B 231 10.36 -15.38 -14.40
N ALA B 232 10.74 -14.61 -15.42
CA ALA B 232 9.92 -14.45 -16.62
C ALA B 232 9.53 -15.79 -17.25
N LYS B 233 10.51 -16.69 -17.39
CA LYS B 233 10.25 -17.99 -18.00
C LYS B 233 9.30 -18.83 -17.14
N PHE B 234 9.50 -18.79 -15.82
CA PHE B 234 8.65 -19.51 -14.87
C PHE B 234 7.18 -19.07 -14.92
N LEU B 235 6.96 -17.76 -14.91
CA LEU B 235 5.61 -17.21 -14.96
CA LEU B 235 5.60 -17.19 -14.96
C LEU B 235 4.91 -17.54 -16.28
N HIS B 236 5.68 -17.48 -17.36
CA HIS B 236 5.17 -17.79 -18.68
C HIS B 236 4.78 -19.27 -18.75
N LYS B 237 5.66 -20.13 -18.27
CA LYS B 237 5.41 -21.58 -18.31
C LYS B 237 4.15 -21.98 -17.55
N HIS B 238 3.95 -21.41 -16.36
CA HIS B 238 2.87 -21.84 -15.47
C HIS B 238 1.64 -20.93 -15.50
N ASP B 239 1.61 -19.98 -16.43
CA ASP B 239 0.49 -19.02 -16.56
C ASP B 239 0.25 -18.27 -15.24
N LEU B 240 1.34 -17.80 -14.62
CA LEU B 240 1.27 -17.02 -13.38
C LEU B 240 1.57 -15.56 -13.68
N ASP B 241 1.12 -14.68 -12.79
CA ASP B 241 1.35 -13.26 -12.93
C ASP B 241 2.47 -12.74 -12.02
N LEU B 242 2.66 -13.38 -10.87
CA LEU B 242 3.56 -12.83 -9.85
C LEU B 242 4.12 -13.91 -8.95
N ILE B 243 5.38 -13.75 -8.54
CA ILE B 243 5.96 -14.56 -7.48
C ILE B 243 6.06 -13.67 -6.25
N CYS B 244 5.54 -14.14 -5.12
CA CYS B 244 5.59 -13.40 -3.86
C CYS B 244 6.36 -14.23 -2.85
N ARG B 245 7.44 -13.65 -2.34
CA ARG B 245 8.35 -14.36 -1.45
C ARG B 245 8.87 -13.40 -0.36
N ALA B 246 9.69 -13.89 0.55
CA ALA B 246 10.10 -13.11 1.72
C ALA B 246 11.61 -13.27 1.87
N HIS B 247 12.08 -13.62 3.07
CA HIS B 247 13.41 -14.25 3.25
C HIS B 247 14.58 -13.24 3.26
N GLN B 248 14.47 -12.12 2.53
CA GLN B 248 15.50 -11.08 2.55
C GLN B 248 15.01 -9.76 3.11
N VAL B 249 15.78 -9.19 4.01
CA VAL B 249 15.46 -7.86 4.53
C VAL B 249 15.60 -6.83 3.41
N VAL B 250 14.56 -6.03 3.26
CA VAL B 250 14.52 -4.98 2.23
C VAL B 250 14.14 -3.66 2.90
N GLU B 251 14.84 -2.59 2.54
CA GLU B 251 14.72 -1.31 3.26
C GLU B 251 13.30 -0.75 3.32
N ASP B 252 12.56 -0.91 2.22
CA ASP B 252 11.20 -0.38 2.13
C ASP B 252 10.12 -1.33 2.69
N GLY B 253 10.54 -2.52 3.16
CA GLY B 253 9.61 -3.56 3.62
C GLY B 253 9.12 -4.45 2.49
N TYR B 254 9.09 -3.91 1.26
CA TYR B 254 8.78 -4.70 0.08
C TYR B 254 9.69 -4.21 -1.03
N GLU B 255 9.96 -5.08 -2.00
CA GLU B 255 10.86 -4.76 -3.11
C GLU B 255 10.46 -5.60 -4.31
N PHE B 256 10.16 -4.92 -5.42
CA PHE B 256 9.85 -5.61 -6.67
C PHE B 256 11.11 -5.96 -7.42
N PHE B 257 10.98 -6.98 -8.28
CA PHE B 257 12.07 -7.54 -9.06
C PHE B 257 11.52 -7.97 -10.43
N ALA B 258 12.36 -7.95 -11.46
CA ALA B 258 11.97 -8.44 -12.80
C ALA B 258 10.71 -7.74 -13.33
N LYS B 259 10.76 -6.42 -13.39
CA LYS B 259 9.63 -5.61 -13.92
C LYS B 259 8.31 -5.97 -13.21
N ARG B 260 8.37 -5.94 -11.88
CA ARG B 260 7.24 -6.23 -10.98
CA ARG B 260 7.20 -6.21 -11.02
C ARG B 260 6.64 -7.64 -11.14
N GLN B 261 7.45 -8.59 -11.62
CA GLN B 261 7.02 -9.99 -11.74
C GLN B 261 7.32 -10.80 -10.48
N LEU B 262 8.14 -10.24 -9.61
CA LEU B 262 8.39 -10.83 -8.29
C LEU B 262 8.41 -9.70 -7.26
N VAL B 263 7.89 -10.01 -6.08
CA VAL B 263 8.01 -9.13 -4.93
C VAL B 263 8.56 -9.91 -3.71
N THR B 264 9.41 -9.22 -2.97
CA THR B 264 9.91 -9.66 -1.68
C THR B 264 9.20 -8.85 -0.60
N LEU B 265 8.65 -9.55 0.38
CA LEU B 265 8.00 -8.93 1.53
C LEU B 265 8.79 -9.23 2.80
N PHE B 266 8.99 -8.21 3.64
CA PHE B 266 9.70 -8.44 4.91
C PHE B 266 8.97 -7.63 5.96
N SER B 267 8.41 -8.30 6.97
CA SER B 267 7.40 -7.63 7.78
C SER B 267 7.87 -7.13 9.16
N ALA B 268 9.13 -7.43 9.51
CA ALA B 268 9.78 -7.06 10.77
C ALA B 268 10.60 -5.78 10.61
N PRO B 269 10.08 -4.65 11.12
CA PRO B 269 10.77 -3.38 10.94
C PRO B 269 11.97 -3.31 11.87
N ASN B 270 12.93 -2.48 11.49
CA ASN B 270 14.18 -2.35 12.25
C ASN B 270 14.75 -3.71 12.67
N TYR B 271 14.88 -4.55 11.66
CA TYR B 271 15.14 -5.98 11.87
C TYR B 271 16.39 -6.22 12.70
N CYS B 272 16.25 -7.05 13.74
CA CYS B 272 17.32 -7.33 14.73
C CYS B 272 17.72 -6.13 15.56
N GLY B 273 17.14 -4.97 15.29
CA GLY B 273 17.73 -3.70 15.69
C GLY B 273 19.07 -3.46 14.99
N GLU B 274 19.30 -4.17 13.88
CA GLU B 274 20.56 -4.05 13.12
C GLU B 274 20.34 -3.40 11.75
N PHE B 275 19.06 -3.22 11.37
CA PHE B 275 18.69 -2.60 10.12
C PHE B 275 17.67 -1.49 10.39
N ASP B 276 17.54 -0.54 9.47
CA ASP B 276 16.57 0.57 9.61
C ASP B 276 15.47 0.44 8.57
N ASN B 277 15.08 -0.79 8.35
CA ASN B 277 14.12 -1.11 7.34
C ASN B 277 12.70 -0.92 7.85
N ALA B 278 11.80 -0.60 6.94
CA ALA B 278 10.39 -0.75 7.23
C ALA B 278 9.99 -2.23 7.17
N GLY B 279 8.81 -2.54 7.72
CA GLY B 279 8.15 -3.81 7.51
C GLY B 279 6.89 -3.59 6.70
N ALA B 280 6.62 -4.46 5.73
CA ALA B 280 5.43 -4.27 4.90
C ALA B 280 4.57 -5.51 4.90
N MET B 281 3.29 -5.30 4.68
CA MET B 281 2.28 -6.32 4.50
C MET B 281 1.57 -5.98 3.21
N MET B 282 1.37 -6.97 2.36
CA MET B 282 0.77 -6.76 1.05
C MET B 282 -0.69 -7.11 1.07
N SER B 283 -1.53 -6.15 0.67
CA SER B 283 -2.94 -6.38 0.53
CA SER B 283 -2.95 -6.39 0.52
C SER B 283 -3.20 -6.78 -0.93
N VAL B 284 -3.80 -7.93 -1.13
CA VAL B 284 -4.17 -8.40 -2.46
C VAL B 284 -5.71 -8.34 -2.56
N ASP B 285 -6.25 -7.58 -3.52
CA ASP B 285 -7.70 -7.43 -3.62
C ASP B 285 -8.29 -8.55 -4.47
N GLU B 286 -9.60 -8.56 -4.63
CA GLU B 286 -10.26 -9.65 -5.36
C GLU B 286 -9.77 -9.78 -6.80
N THR B 287 -9.23 -8.69 -7.37
CA THR B 287 -8.69 -8.67 -8.73
C THR B 287 -7.18 -8.96 -8.80
N LEU B 288 -6.62 -9.31 -7.63
CA LEU B 288 -5.18 -9.59 -7.45
C LEU B 288 -4.29 -8.37 -7.59
N MET B 289 -4.88 -7.18 -7.43
CA MET B 289 -4.10 -5.95 -7.40
C MET B 289 -3.49 -5.79 -6.03
N CYS B 290 -2.21 -5.43 -6.02
CA CYS B 290 -1.42 -5.44 -4.80
C CYS B 290 -1.15 -4.01 -4.29
N SER B 291 -1.30 -3.82 -2.98
CA SER B 291 -1.00 -2.54 -2.32
C SER B 291 -0.35 -2.88 -0.97
N PHE B 292 0.09 -1.87 -0.24
CA PHE B 292 0.92 -2.13 0.93
C PHE B 292 0.52 -1.33 2.15
N GLN B 293 0.71 -1.96 3.31
CA GLN B 293 0.57 -1.30 4.58
C GLN B 293 1.91 -1.52 5.26
N ILE B 294 2.43 -0.43 5.78
CA ILE B 294 3.84 -0.35 6.10
C ILE B 294 4.07 0.11 7.53
N LEU B 295 4.86 -0.64 8.28
CA LEU B 295 5.38 -0.19 9.54
C LEU B 295 6.68 0.53 9.23
N LYS B 296 6.63 1.85 9.20
CA LYS B 296 7.83 2.67 8.91
C LYS B 296 8.87 2.48 10.01
N PRO B 297 10.17 2.61 9.66
CA PRO B 297 11.21 2.41 10.69
C PRO B 297 11.11 3.46 11.80
N ALA B 298 11.63 3.10 12.97
CA ALA B 298 11.58 3.93 14.17
C ALA B 298 12.14 5.34 13.93
#